data_6V3I
#
_entry.id   6V3I
#
_cell.length_a   67.945
_cell.length_b   120.303
_cell.length_c   127.818
_cell.angle_alpha   90.000
_cell.angle_beta   90.000
_cell.angle_gamma   90.000
#
_symmetry.space_group_name_H-M   'P 21 21 21'
#
loop_
_entity.id
_entity.type
_entity.pdbx_description
1 polymer 'Potassium channel subfamily K member 2'
2 non-polymer 'ruthenium(6+) azanide pentaamino(oxido)ruthenium (1/4/2)'
3 non-polymer DODECANE
4 non-polymer N-OCTANE
5 non-polymer HEXANE
6 non-polymer 'POTASSIUM ION'
7 non-polymer PENTANE
8 non-polymer 'CADMIUM ION'
9 water water
#
_entity_poly.entity_id   1
_entity_poly.type   'polypeptide(L)'
_entity_poly.pdbx_seq_one_letter_code
;MSFSSKPTVLASRVESDSAINVMKWKTVSTIFLVVVLYLIIGATVFKALEQPQEISQRTTIVIQREKFLRAHPCVSDQEL
DELIQQIVAADNAGIIPLGASSNQVSHWDLGSSFFFAGTVITTIGFGNISPRTEGGKIFCIIYALLGIPLFGFLLAGVGD
QLGTIFGKGIAKVEDTFIKWNVSQTKIRIISTIIFILFGCVLFVALPAVIFKHIEGWSALDAIYFVVITLTTIGFGDYVA
GGSDIEYLDFYKPVVWFWILVGLAYFAAVLSMIGDWLRVIAKKTKEAVGEFRAHAAEWTANVTSNSLEVLFQ
;
_entity_poly.pdbx_strand_id   A,B
#
# COMPACT_ATOMS: atom_id res chain seq x y z
N LYS A 26 -24.51 16.26 6.49
CA LYS A 26 -23.36 15.38 6.60
C LYS A 26 -23.69 13.91 6.37
N THR A 27 -24.08 13.57 5.13
CA THR A 27 -24.21 12.16 4.80
C THR A 27 -22.90 11.44 5.07
N VAL A 28 -21.79 12.14 4.83
CA VAL A 28 -20.46 11.57 5.03
C VAL A 28 -20.24 11.19 6.49
N SER A 29 -20.76 11.97 7.43
CA SER A 29 -20.59 11.62 8.84
C SER A 29 -21.27 10.29 9.17
N THR A 30 -22.49 10.08 8.65
CA THR A 30 -23.16 8.81 8.85
C THR A 30 -22.32 7.68 8.26
N ILE A 31 -21.79 7.87 7.06
CA ILE A 31 -20.87 6.90 6.46
C ILE A 31 -19.68 6.67 7.38
N PHE A 32 -19.13 7.76 7.92
CA PHE A 32 -18.02 7.69 8.87
C PHE A 32 -18.32 6.69 9.98
N LEU A 33 -19.51 6.81 10.57
CA LEU A 33 -19.91 5.86 11.61
C LEU A 33 -20.02 4.46 11.04
N VAL A 34 -20.54 4.34 9.81
CA VAL A 34 -20.62 3.04 9.15
C VAL A 34 -19.23 2.41 9.04
N VAL A 35 -18.25 3.20 8.59
CA VAL A 35 -16.89 2.71 8.39
C VAL A 35 -16.23 2.36 9.71
N VAL A 36 -16.49 3.16 10.75
CA VAL A 36 -15.94 2.85 12.06
C VAL A 36 -16.50 1.52 12.56
N LEU A 37 -17.79 1.30 12.34
CA LEU A 37 -18.41 0.04 12.76
C LEU A 37 -17.89 -1.13 11.93
N TYR A 38 -17.68 -0.90 10.64
CA TYR A 38 -17.03 -1.88 9.78
C TYR A 38 -15.66 -2.25 10.32
N LEU A 39 -14.89 -1.24 10.73
CA LEU A 39 -13.57 -1.48 11.30
C LEU A 39 -13.67 -2.28 12.60
N ILE A 40 -14.65 -1.98 13.44
CA ILE A 40 -14.80 -2.69 14.69
C ILE A 40 -15.13 -4.16 14.44
N ILE A 41 -16.07 -4.41 13.52
CA ILE A 41 -16.42 -5.79 13.16
C ILE A 41 -15.21 -6.51 12.60
N GLY A 42 -14.51 -5.87 11.66
CA GLY A 42 -13.29 -6.46 11.11
C GLY A 42 -12.27 -6.77 12.18
N ALA A 43 -12.07 -5.86 13.14
CA ALA A 43 -11.11 -6.07 14.20
C ALA A 43 -11.48 -7.28 15.05
N THR A 44 -12.76 -7.39 15.43
CA THR A 44 -13.20 -8.55 16.19
C THR A 44 -12.93 -9.83 15.42
N VAL A 45 -13.35 -9.87 14.15
CA VAL A 45 -13.17 -11.07 13.35
C VAL A 45 -11.68 -11.41 13.22
N PHE A 46 -10.84 -10.39 13.00
CA PHE A 46 -9.42 -10.62 12.79
C PHE A 46 -8.76 -11.15 14.05
N LYS A 47 -9.05 -10.55 15.21
CA LYS A 47 -8.45 -11.05 16.44
C LYS A 47 -8.93 -12.47 16.73
N ALA A 48 -10.23 -12.73 16.55
CA ALA A 48 -10.74 -14.07 16.79
C ALA A 48 -10.23 -15.09 15.76
N LEU A 49 -9.70 -14.63 14.63
CA LEU A 49 -9.12 -15.52 13.64
C LEU A 49 -7.60 -15.67 13.76
N GLU A 50 -6.92 -14.75 14.44
CA GLU A 50 -5.47 -14.74 14.44
C GLU A 50 -4.83 -14.94 15.81
N GLN A 51 -5.46 -14.52 16.90
CA GLN A 51 -4.82 -14.63 18.20
C GLN A 51 -4.51 -16.07 18.59
N PRO A 52 -5.36 -17.07 18.27
CA PRO A 52 -5.01 -18.46 18.59
C PRO A 52 -3.71 -18.91 17.95
N GLN A 53 -3.60 -18.76 16.62
CA GLN A 53 -2.37 -19.11 15.93
C GLN A 53 -1.19 -18.33 16.49
N GLU A 54 -1.41 -17.09 16.91
CA GLU A 54 -0.35 -16.30 17.54
C GLU A 54 0.16 -16.98 18.79
N ILE A 55 -0.75 -17.41 19.68
CA ILE A 55 -0.32 -18.05 20.92
C ILE A 55 0.38 -19.37 20.64
N SER A 56 -0.17 -20.15 19.69
CA SER A 56 0.47 -21.41 19.34
C SER A 56 1.90 -21.19 18.86
N GLN A 57 2.09 -20.23 17.95
CA GLN A 57 3.41 -19.95 17.42
C GLN A 57 4.35 -19.46 18.51
N ARG A 58 3.87 -18.61 19.43
CA ARG A 58 4.77 -18.13 20.47
C ARG A 58 5.20 -19.26 21.41
N THR A 59 4.27 -20.16 21.72
CA THR A 59 4.63 -21.27 22.60
C THR A 59 5.61 -22.21 21.91
N THR A 60 5.40 -22.48 20.63
CA THR A 60 6.35 -23.30 19.90
C THR A 60 7.70 -22.60 19.76
N ILE A 61 7.71 -21.27 19.71
CA ILE A 61 8.98 -20.54 19.62
C ILE A 61 9.75 -20.65 20.93
N VAL A 62 9.06 -20.58 22.06
CA VAL A 62 9.75 -20.77 23.34
C VAL A 62 10.26 -22.21 23.46
N ILE A 63 9.44 -23.16 22.99
CA ILE A 63 9.87 -24.56 22.97
C ILE A 63 11.16 -24.70 22.18
N GLN A 64 11.21 -24.12 20.98
CA GLN A 64 12.39 -24.23 20.13
C GLN A 64 13.58 -23.48 20.72
N ARG A 65 13.34 -22.38 21.42
CA ARG A 65 14.43 -21.70 22.12
C ARG A 65 15.10 -22.63 23.13
N GLU A 66 14.29 -23.23 24.00
CA GLU A 66 14.85 -24.17 24.99
C GLU A 66 15.50 -25.36 24.30
N LYS A 67 14.89 -25.85 23.21
CA LYS A 67 15.45 -27.00 22.49
C LYS A 67 16.82 -26.67 21.92
N PHE A 68 16.98 -25.48 21.35
CA PHE A 68 18.27 -25.10 20.77
C PHE A 68 19.30 -24.82 21.85
N LEU A 69 18.87 -24.36 23.03
CA LEU A 69 19.82 -24.17 24.12
C LEU A 69 20.31 -25.50 24.66
N ARG A 70 19.39 -26.44 24.92
CA ARG A 70 19.78 -27.72 25.50
C ARG A 70 20.51 -28.61 24.50
N ALA A 71 20.18 -28.51 23.21
CA ALA A 71 20.84 -29.34 22.22
C ALA A 71 22.27 -28.90 21.96
N HIS A 72 22.61 -27.65 22.25
CA HIS A 72 23.95 -27.10 22.07
C HIS A 72 24.36 -26.35 23.32
N PRO A 73 24.86 -27.03 24.36
CA PRO A 73 25.34 -26.31 25.54
C PRO A 73 26.55 -25.44 25.25
N CYS A 74 27.01 -25.45 24.00
CA CYS A 74 27.98 -24.47 23.54
C CYS A 74 27.42 -23.05 23.68
N VAL A 75 26.32 -22.79 23.00
CA VAL A 75 25.64 -21.50 23.05
C VAL A 75 24.92 -21.37 24.39
N SER A 76 25.25 -20.34 25.17
CA SER A 76 24.65 -20.15 26.46
C SER A 76 23.40 -19.27 26.33
N ASP A 77 22.72 -19.06 27.45
CA ASP A 77 21.58 -18.14 27.47
C ASP A 77 21.97 -16.75 26.99
N GLN A 78 23.08 -16.22 27.53
CA GLN A 78 23.55 -14.89 27.14
C GLN A 78 24.12 -14.86 25.72
N GLU A 79 24.73 -15.96 25.25
CA GLU A 79 25.24 -15.97 23.88
C GLU A 79 24.14 -15.99 22.83
N LEU A 80 22.99 -16.61 23.12
CA LEU A 80 21.90 -16.66 22.14
C LEU A 80 21.27 -15.28 21.94
N ASP A 81 21.09 -14.52 23.02
CA ASP A 81 20.47 -13.21 22.92
C ASP A 81 21.24 -12.27 22.01
N GLU A 82 22.58 -12.34 22.04
CA GLU A 82 23.37 -11.46 21.19
C GLU A 82 23.15 -11.78 19.71
N LEU A 83 23.08 -13.07 19.37
CA LEU A 83 22.82 -13.45 17.99
C LEU A 83 21.42 -13.03 17.56
N ILE A 84 20.43 -13.24 18.43
CA ILE A 84 19.07 -12.83 18.09
C ILE A 84 18.94 -11.32 17.98
N GLN A 85 19.78 -10.57 18.71
CA GLN A 85 19.75 -9.13 18.59
C GLN A 85 20.41 -8.66 17.29
N GLN A 86 21.52 -9.29 16.90
CA GLN A 86 22.13 -8.91 15.63
C GLN A 86 21.26 -9.32 14.44
N ILE A 87 20.51 -10.40 14.62
CA ILE A 87 19.58 -10.89 13.57
C ILE A 87 18.46 -9.86 13.42
N VAL A 88 17.97 -9.32 14.53
CA VAL A 88 16.88 -8.30 14.45
C VAL A 88 17.43 -7.09 13.71
N ALA A 89 18.67 -6.70 14.03
CA ALA A 89 19.34 -5.57 13.34
C ALA A 89 19.51 -5.97 11.86
N ALA A 90 19.88 -7.23 11.63
CA ALA A 90 20.05 -7.77 10.26
C ALA A 90 18.72 -7.72 9.51
N ASP A 91 17.58 -7.94 10.15
CA ASP A 91 16.28 -7.97 9.41
C ASP A 91 16.03 -6.65 8.66
N ASN A 92 16.39 -5.52 9.25
CA ASN A 92 16.19 -4.20 8.59
C ASN A 92 16.96 -4.20 7.27
N ALA A 93 18.20 -4.70 7.25
CA ALA A 93 18.98 -4.82 5.99
C ALA A 93 18.63 -6.18 5.38
N GLY A 94 19.53 -7.17 5.43
CA GLY A 94 19.13 -8.48 4.96
C GLY A 94 19.11 -9.52 6.06
N HIS A 107 20.23 -7.85 -3.38
CA HIS A 107 19.29 -6.74 -3.35
C HIS A 107 19.82 -5.52 -4.09
N TRP A 108 18.91 -4.60 -4.41
CA TRP A 108 19.22 -3.35 -5.10
C TRP A 108 20.00 -3.57 -6.40
N ASP A 109 19.93 -4.76 -6.98
CA ASP A 109 20.62 -5.04 -8.23
C ASP A 109 19.96 -4.23 -9.34
N LEU A 110 20.38 -4.48 -10.58
CA LEU A 110 19.87 -3.72 -11.71
C LEU A 110 18.34 -3.74 -11.76
N GLY A 111 17.76 -4.95 -11.82
CA GLY A 111 16.31 -5.08 -11.93
C GLY A 111 15.56 -4.89 -10.63
N SER A 112 16.21 -5.11 -9.49
CA SER A 112 15.52 -4.96 -8.20
C SER A 112 15.12 -3.52 -7.94
N SER A 113 16.02 -2.58 -8.25
CA SER A 113 15.68 -1.17 -8.07
C SER A 113 14.56 -0.74 -9.03
N PHE A 114 14.52 -1.32 -10.23
CA PHE A 114 13.42 -1.05 -11.14
C PHE A 114 12.10 -1.54 -10.58
N PHE A 115 12.07 -2.79 -10.10
CA PHE A 115 10.88 -3.31 -9.45
C PHE A 115 10.46 -2.42 -8.28
N PHE A 116 11.43 -1.92 -7.52
CA PHE A 116 11.12 -1.05 -6.39
C PHE A 116 10.50 0.27 -6.85
N ALA A 117 11.06 0.87 -7.89
CA ALA A 117 10.46 2.08 -8.45
C ALA A 117 9.03 1.82 -8.90
N GLY A 118 8.79 0.66 -9.51
CA GLY A 118 7.43 0.34 -9.92
C GLY A 118 6.49 0.24 -8.74
N THR A 119 6.92 -0.42 -7.67
CA THR A 119 6.10 -0.48 -6.47
C THR A 119 5.83 0.92 -5.92
N VAL A 120 6.85 1.80 -5.96
CA VAL A 120 6.68 3.14 -5.42
C VAL A 120 5.65 3.92 -6.23
N ILE A 121 5.76 3.88 -7.56
CA ILE A 121 4.85 4.68 -8.38
C ILE A 121 3.43 4.11 -8.31
N THR A 122 3.29 2.79 -8.20
CA THR A 122 1.97 2.19 -8.14
C THR A 122 1.34 2.27 -6.76
N THR A 123 2.03 2.86 -5.77
CA THR A 123 1.55 2.95 -4.40
C THR A 123 1.28 1.57 -3.79
N ILE A 124 1.81 0.50 -4.39
CA ILE A 124 1.73 -0.82 -3.77
C ILE A 124 2.60 -0.87 -2.52
N GLY A 125 3.90 -0.64 -2.67
CA GLY A 125 4.79 -0.56 -1.54
C GLY A 125 4.92 -1.85 -0.75
N PHE A 126 5.31 -2.93 -1.41
CA PHE A 126 5.51 -4.21 -0.72
C PHE A 126 6.39 -4.03 0.52
N GLY A 127 7.43 -3.20 0.41
CA GLY A 127 8.34 -2.95 1.51
C GLY A 127 9.42 -3.99 1.72
N ASN A 128 9.41 -5.09 0.96
CA ASN A 128 10.45 -6.10 1.10
C ASN A 128 11.85 -5.48 1.00
N ILE A 129 11.99 -4.46 0.16
CA ILE A 129 13.23 -3.69 0.06
C ILE A 129 12.87 -2.22 0.08
N SER A 130 13.51 -1.46 0.96
CA SER A 130 13.20 -0.05 1.15
C SER A 130 14.49 0.73 1.32
N PRO A 131 14.47 2.03 1.01
CA PRO A 131 15.71 2.82 1.08
C PRO A 131 16.13 3.07 2.52
N ARG A 132 17.43 2.93 2.77
CA ARG A 132 18.03 3.24 4.06
C ARG A 132 18.82 4.53 4.07
N THR A 133 19.29 5.00 2.91
CA THR A 133 20.06 6.23 2.85
C THR A 133 19.15 7.44 3.00
N GLU A 134 19.63 8.46 3.72
CA GLU A 134 18.93 9.74 3.77
C GLU A 134 18.64 10.23 2.36
N GLY A 135 19.66 10.23 1.50
CA GLY A 135 19.44 10.57 0.11
C GLY A 135 18.45 9.65 -0.55
N GLY A 136 18.57 8.35 -0.28
CA GLY A 136 17.58 7.41 -0.80
C GLY A 136 16.17 7.75 -0.36
N LYS A 137 16.00 8.13 0.90
CA LYS A 137 14.67 8.45 1.42
C LYS A 137 14.10 9.70 0.77
N ILE A 138 14.90 10.78 0.73
CA ILE A 138 14.43 12.01 0.11
C ILE A 138 14.11 11.79 -1.35
N PHE A 139 14.96 11.04 -2.05
CA PHE A 139 14.67 10.67 -3.43
C PHE A 139 13.34 9.97 -3.50
N CYS A 140 13.22 8.80 -2.89
CA CYS A 140 11.96 8.04 -2.91
C CYS A 140 10.77 8.95 -2.65
N ILE A 141 10.89 9.90 -1.72
CA ILE A 141 9.79 10.82 -1.45
C ILE A 141 9.42 11.60 -2.73
N ILE A 142 10.40 12.29 -3.30
CA ILE A 142 10.11 13.10 -4.49
C ILE A 142 9.69 12.22 -5.66
N TYR A 143 10.36 11.07 -5.79
CA TYR A 143 10.08 10.13 -6.86
C TYR A 143 8.63 9.65 -6.81
N ALA A 144 8.11 9.38 -5.61
CA ALA A 144 6.71 9.01 -5.48
C ALA A 144 5.82 10.19 -5.79
N LEU A 145 6.08 11.34 -5.15
CA LEU A 145 5.25 12.52 -5.38
C LEU A 145 5.11 12.84 -6.86
N LEU A 146 6.11 12.48 -7.68
CA LEU A 146 6.04 12.77 -9.10
C LEU A 146 5.59 11.59 -9.96
N GLY A 147 5.85 10.36 -9.54
CA GLY A 147 5.49 9.20 -10.32
C GLY A 147 4.05 8.78 -10.15
N ILE A 148 3.53 8.91 -8.93
CA ILE A 148 2.14 8.52 -8.67
C ILE A 148 1.18 9.16 -9.68
N PRO A 149 1.22 10.48 -9.91
CA PRO A 149 0.34 11.06 -10.93
C PRO A 149 0.67 10.62 -12.35
N LEU A 150 1.96 10.60 -12.70
CA LEU A 150 2.37 10.12 -14.02
C LEU A 150 1.87 8.70 -14.26
N PHE A 151 2.12 7.81 -13.30
CA PHE A 151 1.60 6.45 -13.43
C PHE A 151 0.09 6.44 -13.48
N GLY A 152 -0.56 7.35 -12.77
CA GLY A 152 -2.00 7.49 -12.89
C GLY A 152 -2.42 7.74 -14.33
N PHE A 153 -1.69 8.62 -15.02
CA PHE A 153 -2.00 8.87 -16.43
C PHE A 153 -1.84 7.61 -17.26
N LEU A 154 -0.70 6.91 -17.09
CA LEU A 154 -0.50 5.67 -17.83
C LEU A 154 -1.60 4.67 -17.54
N LEU A 155 -2.00 4.56 -16.27
CA LEU A 155 -3.02 3.61 -15.85
C LEU A 155 -4.35 3.97 -16.48
N ALA A 156 -4.72 5.25 -16.48
CA ALA A 156 -5.97 5.67 -17.11
C ALA A 156 -5.97 5.34 -18.59
N GLY A 157 -4.82 5.52 -19.25
CA GLY A 157 -4.75 5.17 -20.66
C GLY A 157 -4.92 3.69 -20.90
N VAL A 158 -4.19 2.87 -20.15
CA VAL A 158 -4.31 1.42 -20.30
C VAL A 158 -5.72 0.96 -19.97
N GLY A 159 -6.33 1.55 -18.94
CA GLY A 159 -7.71 1.33 -18.59
C GLY A 159 -8.67 1.58 -19.73
N ASP A 160 -8.68 2.80 -20.25
CA ASP A 160 -9.51 3.12 -21.42
C ASP A 160 -9.30 2.10 -22.53
N GLN A 161 -8.05 1.79 -22.84
CA GLN A 161 -7.77 0.86 -23.94
C GLN A 161 -8.39 -0.50 -23.70
N LEU A 162 -8.18 -1.05 -22.50
CA LEU A 162 -8.73 -2.37 -22.18
C LEU A 162 -10.25 -2.32 -22.13
N GLY A 163 -10.81 -1.21 -21.65
CA GLY A 163 -12.25 -1.07 -21.63
C GLY A 163 -12.86 -1.11 -23.01
N THR A 164 -12.18 -0.49 -23.99
CA THR A 164 -12.67 -0.55 -25.35
C THR A 164 -12.46 -1.93 -25.96
N ILE A 165 -11.30 -2.55 -25.69
CA ILE A 165 -11.05 -3.91 -26.13
C ILE A 165 -12.17 -4.83 -25.66
N PHE A 166 -12.61 -4.66 -24.42
CA PHE A 166 -13.74 -5.44 -23.93
C PHE A 166 -15.03 -5.02 -24.63
N GLY A 167 -15.34 -3.72 -24.60
CA GLY A 167 -16.56 -3.23 -25.21
C GLY A 167 -16.82 -3.82 -26.58
N LYS A 168 -15.77 -4.04 -27.37
CA LYS A 168 -15.98 -4.63 -28.69
C LYS A 168 -16.65 -6.01 -28.57
N GLY A 169 -16.01 -6.94 -27.88
CA GLY A 169 -16.55 -8.29 -27.79
C GLY A 169 -17.81 -8.37 -26.96
N ILE A 170 -17.96 -7.49 -25.98
CA ILE A 170 -19.15 -7.56 -25.13
C ILE A 170 -20.35 -6.95 -25.84
N ALA A 171 -20.15 -5.93 -26.68
CA ALA A 171 -21.25 -5.47 -27.52
C ALA A 171 -21.58 -6.49 -28.59
N LYS A 172 -20.56 -7.23 -29.07
CA LYS A 172 -20.85 -8.27 -30.05
C LYS A 172 -21.69 -9.38 -29.45
N VAL A 173 -21.42 -9.78 -28.21
CA VAL A 173 -22.19 -10.85 -27.60
C VAL A 173 -23.53 -10.34 -27.05
N GLU A 174 -23.59 -9.06 -26.64
CA GLU A 174 -24.80 -8.52 -26.07
C GLU A 174 -25.84 -8.18 -27.12
N ASP A 175 -25.40 -7.84 -28.34
CA ASP A 175 -26.38 -7.64 -29.41
C ASP A 175 -27.12 -8.93 -29.69
N THR A 176 -26.40 -10.05 -29.72
CA THR A 176 -27.05 -11.35 -29.90
C THR A 176 -27.95 -11.68 -28.72
N PHE A 177 -27.46 -11.45 -27.50
CA PHE A 177 -28.29 -11.71 -26.32
C PHE A 177 -29.34 -10.63 -26.16
N LYS A 186 -32.15 -6.84 -17.71
CA LYS A 186 -31.36 -7.86 -17.05
C LYS A 186 -30.20 -8.31 -17.95
N ILE A 187 -30.14 -7.69 -19.13
CA ILE A 187 -29.06 -8.04 -20.05
C ILE A 187 -27.75 -7.43 -19.58
N ARG A 188 -27.80 -6.22 -19.01
CA ARG A 188 -26.61 -5.66 -18.40
C ARG A 188 -26.15 -6.52 -17.22
N ILE A 189 -27.08 -7.14 -16.50
CA ILE A 189 -26.71 -8.05 -15.42
C ILE A 189 -25.94 -9.25 -15.98
N ILE A 190 -26.46 -9.83 -17.07
CA ILE A 190 -25.77 -10.97 -17.68
C ILE A 190 -24.38 -10.56 -18.16
N SER A 191 -24.28 -9.36 -18.74
CA SER A 191 -23.02 -8.90 -19.28
C SER A 191 -22.00 -8.64 -18.17
N THR A 192 -22.43 -8.02 -17.07
CA THR A 192 -21.53 -7.80 -15.95
C THR A 192 -21.07 -9.10 -15.33
N ILE A 193 -21.95 -10.11 -15.30
CA ILE A 193 -21.54 -11.42 -14.81
C ILE A 193 -20.42 -11.97 -15.67
N ILE A 194 -20.61 -11.90 -17.00
CA ILE A 194 -19.58 -12.41 -17.91
C ILE A 194 -18.28 -11.64 -17.76
N PHE A 195 -18.39 -10.31 -17.58
CA PHE A 195 -17.21 -9.48 -17.40
C PHE A 195 -16.42 -9.93 -16.18
N ILE A 196 -17.08 -9.98 -15.02
CA ILE A 196 -16.40 -10.36 -13.79
C ILE A 196 -15.80 -11.76 -13.92
N LEU A 197 -16.56 -12.69 -14.50
CA LEU A 197 -16.06 -14.05 -14.67
C LEU A 197 -14.75 -14.07 -15.45
N PHE A 198 -14.79 -13.57 -16.69
CA PHE A 198 -13.61 -13.63 -17.54
C PHE A 198 -12.47 -12.80 -16.98
N GLY A 199 -12.77 -11.72 -16.26
CA GLY A 199 -11.72 -10.93 -15.65
C GLY A 199 -11.03 -11.68 -14.53
N CYS A 200 -11.81 -12.27 -13.63
CA CYS A 200 -11.20 -13.08 -12.58
C CYS A 200 -10.37 -14.19 -13.21
N VAL A 201 -10.85 -14.77 -14.31
CA VAL A 201 -10.05 -15.79 -14.99
C VAL A 201 -8.70 -15.20 -15.38
N LEU A 202 -8.71 -14.22 -16.27
CA LEU A 202 -7.47 -13.77 -16.90
C LEU A 202 -6.52 -13.14 -15.89
N PHE A 203 -7.03 -12.30 -14.99
CA PHE A 203 -6.19 -11.48 -14.14
C PHE A 203 -6.13 -11.97 -12.69
N VAL A 204 -6.68 -13.15 -12.38
CA VAL A 204 -6.61 -13.68 -11.03
C VAL A 204 -6.24 -15.15 -11.08
N ALA A 205 -6.97 -15.93 -11.90
CA ALA A 205 -6.79 -17.38 -11.88
C ALA A 205 -5.45 -17.75 -12.49
N LEU A 206 -5.25 -17.42 -13.76
CA LEU A 206 -4.03 -17.82 -14.45
C LEU A 206 -2.78 -17.28 -13.77
N PRO A 207 -2.68 -16.00 -13.41
CA PRO A 207 -1.48 -15.55 -12.70
C PRO A 207 -1.31 -16.21 -11.35
N ALA A 208 -2.41 -16.51 -10.66
CA ALA A 208 -2.30 -17.18 -9.37
C ALA A 208 -1.76 -18.59 -9.53
N VAL A 209 -2.21 -19.32 -10.55
CA VAL A 209 -1.70 -20.67 -10.78
C VAL A 209 -0.24 -20.62 -11.22
N ILE A 210 0.11 -19.63 -12.07
CA ILE A 210 1.49 -19.50 -12.51
C ILE A 210 2.39 -19.21 -11.32
N PHE A 211 1.91 -18.41 -10.38
CA PHE A 211 2.68 -18.14 -9.17
C PHE A 211 2.77 -19.39 -8.31
N LYS A 212 1.64 -20.07 -8.09
CA LYS A 212 1.68 -21.30 -7.32
C LYS A 212 2.79 -22.20 -7.84
N HIS A 213 2.82 -22.41 -9.15
CA HIS A 213 3.84 -23.25 -9.77
C HIS A 213 5.23 -22.69 -9.57
N ILE A 214 5.52 -21.53 -10.17
CA ILE A 214 6.89 -21.01 -10.21
C ILE A 214 7.41 -20.71 -8.80
N GLU A 215 6.63 -19.98 -8.02
CA GLU A 215 7.04 -19.49 -6.70
C GLU A 215 6.86 -20.50 -5.57
N GLY A 216 6.19 -21.65 -5.79
CA GLY A 216 6.05 -22.60 -4.71
C GLY A 216 4.99 -22.27 -3.68
N TRP A 217 3.99 -21.46 -4.02
CA TRP A 217 2.93 -21.11 -3.10
C TRP A 217 1.77 -22.10 -3.18
N SER A 218 0.82 -21.93 -2.26
CA SER A 218 -0.45 -22.65 -2.29
C SER A 218 -1.48 -21.86 -3.09
N ALA A 219 -2.62 -22.49 -3.37
CA ALA A 219 -3.68 -21.81 -4.10
C ALA A 219 -4.19 -20.61 -3.32
N LEU A 220 -4.44 -20.78 -2.02
CA LEU A 220 -4.89 -19.66 -1.21
C LEU A 220 -3.89 -18.52 -1.26
N ASP A 221 -2.67 -18.76 -0.80
CA ASP A 221 -1.57 -17.80 -0.85
C ASP A 221 -1.47 -17.11 -2.19
N ALA A 222 -1.61 -17.87 -3.28
CA ALA A 222 -1.53 -17.28 -4.62
C ALA A 222 -2.62 -16.24 -4.82
N ILE A 223 -3.88 -16.63 -4.60
CA ILE A 223 -4.97 -15.68 -4.80
C ILE A 223 -4.87 -14.52 -3.81
N TYR A 224 -4.34 -14.78 -2.62
CA TYR A 224 -4.21 -13.75 -1.60
C TYR A 224 -3.17 -12.71 -2.00
N PHE A 225 -2.02 -13.16 -2.51
CA PHE A 225 -1.03 -12.25 -3.07
C PHE A 225 -1.62 -11.48 -4.25
N VAL A 226 -2.32 -12.17 -5.14
CA VAL A 226 -2.95 -11.51 -6.28
C VAL A 226 -3.81 -10.35 -5.81
N VAL A 227 -4.72 -10.62 -4.88
CA VAL A 227 -5.65 -9.60 -4.42
C VAL A 227 -4.92 -8.47 -3.71
N ILE A 228 -3.99 -8.81 -2.80
CA ILE A 228 -3.29 -7.79 -2.02
C ILE A 228 -2.46 -6.90 -2.93
N THR A 229 -1.90 -7.45 -4.01
CA THR A 229 -1.16 -6.64 -4.96
C THR A 229 -2.10 -5.75 -5.76
N LEU A 230 -3.06 -6.36 -6.45
CA LEU A 230 -3.93 -5.61 -7.36
C LEU A 230 -4.87 -4.64 -6.65
N THR A 231 -5.02 -4.74 -5.34
CA THR A 231 -5.75 -3.73 -4.57
C THR A 231 -4.86 -2.59 -4.13
N THR A 232 -3.59 -2.59 -4.54
CA THR A 232 -2.61 -1.57 -4.14
C THR A 232 -2.37 -1.60 -2.63
N ILE A 233 -2.66 -2.71 -1.97
CA ILE A 233 -2.39 -2.83 -0.55
C ILE A 233 -0.94 -3.23 -0.32
N GLY A 234 -0.56 -4.40 -0.83
CA GLY A 234 0.81 -4.88 -0.74
C GLY A 234 1.34 -4.94 0.69
N PHE A 235 0.99 -6.00 1.40
CA PHE A 235 1.49 -6.16 2.77
C PHE A 235 2.99 -6.38 2.79
N GLY A 236 3.50 -7.28 1.94
CA GLY A 236 4.90 -7.65 1.92
C GLY A 236 5.16 -9.10 2.30
N ASP A 237 4.22 -9.75 2.99
CA ASP A 237 4.40 -11.15 3.36
C ASP A 237 4.69 -12.01 2.14
N TYR A 238 4.04 -11.72 1.02
CA TYR A 238 4.22 -12.46 -0.23
C TYR A 238 4.60 -11.50 -1.34
N VAL A 239 5.74 -11.75 -1.97
CA VAL A 239 6.22 -10.92 -3.09
C VAL A 239 6.64 -11.84 -4.22
N ALA A 240 6.29 -11.45 -5.45
CA ALA A 240 6.62 -12.27 -6.61
C ALA A 240 8.07 -12.10 -7.04
N GLY A 241 8.67 -10.95 -6.76
CA GLY A 241 10.05 -10.73 -7.16
C GLY A 241 10.96 -10.57 -5.96
N GLY A 242 10.64 -11.28 -4.89
CA GLY A 242 11.45 -11.30 -3.69
C GLY A 242 11.92 -12.71 -3.41
N SER A 243 12.31 -12.97 -2.16
CA SER A 243 12.70 -14.31 -1.73
C SER A 243 13.71 -14.92 -2.70
N ASP A 244 14.92 -14.37 -2.64
CA ASP A 244 16.01 -14.84 -3.49
C ASP A 244 16.69 -16.06 -2.89
N ASP A 249 14.56 -14.35 -16.36
CA ASP A 249 14.31 -12.92 -16.46
C ASP A 249 13.15 -12.63 -17.40
N PHE A 250 12.38 -13.68 -17.69
CA PHE A 250 11.13 -13.56 -18.42
C PHE A 250 9.91 -13.56 -17.52
N TYR A 251 10.06 -14.05 -16.27
CA TYR A 251 8.97 -14.08 -15.31
C TYR A 251 8.71 -12.69 -14.70
N LYS A 252 9.77 -12.02 -14.23
CA LYS A 252 9.60 -10.75 -13.53
C LYS A 252 9.00 -9.65 -14.39
N PRO A 253 9.45 -9.41 -15.63
CA PRO A 253 8.83 -8.35 -16.44
C PRO A 253 7.38 -8.63 -16.75
N VAL A 254 7.05 -9.88 -17.06
CA VAL A 254 5.65 -10.25 -17.25
C VAL A 254 4.87 -10.01 -15.97
N VAL A 255 5.49 -10.26 -14.81
CA VAL A 255 4.81 -10.03 -13.54
C VAL A 255 4.45 -8.56 -13.40
N TRP A 256 5.39 -7.68 -13.71
CA TRP A 256 5.12 -6.25 -13.55
C TRP A 256 4.07 -5.76 -14.56
N PHE A 257 4.17 -6.22 -15.81
CA PHE A 257 3.19 -5.80 -16.82
C PHE A 257 1.80 -6.31 -16.47
N TRP A 258 1.71 -7.56 -16.00
CA TRP A 258 0.47 -8.05 -15.41
C TRP A 258 -0.01 -7.09 -14.33
N ILE A 259 0.81 -6.90 -13.29
CA ILE A 259 0.48 -5.99 -12.19
C ILE A 259 -0.23 -4.76 -12.75
N LEU A 260 0.33 -4.16 -13.79
CA LEU A 260 -0.28 -2.99 -14.43
C LEU A 260 -1.70 -3.30 -14.92
N VAL A 261 -1.82 -4.32 -15.78
CA VAL A 261 -3.11 -4.60 -16.42
C VAL A 261 -4.14 -5.03 -15.37
N GLY A 262 -3.73 -5.93 -14.47
CA GLY A 262 -4.56 -6.30 -13.35
C GLY A 262 -4.97 -5.15 -12.47
N LEU A 263 -4.10 -4.14 -12.31
CA LEU A 263 -4.49 -2.96 -11.55
C LEU A 263 -5.61 -2.21 -12.24
N ALA A 264 -5.52 -2.08 -13.56
CA ALA A 264 -6.63 -1.49 -14.31
C ALA A 264 -7.92 -2.27 -14.09
N TYR A 265 -7.83 -3.60 -14.23
CA TYR A 265 -9.01 -4.45 -14.05
C TYR A 265 -9.58 -4.32 -12.66
N PHE A 266 -8.72 -4.26 -11.63
CA PHE A 266 -9.18 -4.18 -10.26
C PHE A 266 -9.76 -2.81 -9.94
N ALA A 267 -9.23 -1.75 -10.55
CA ALA A 267 -9.87 -0.44 -10.43
C ALA A 267 -11.29 -0.51 -10.96
N ALA A 268 -11.47 -1.11 -12.13
CA ALA A 268 -12.82 -1.26 -12.69
C ALA A 268 -13.72 -2.05 -11.73
N VAL A 269 -13.20 -3.16 -11.20
CA VAL A 269 -13.98 -4.01 -10.30
C VAL A 269 -14.38 -3.25 -9.04
N LEU A 270 -13.43 -2.54 -8.43
CA LEU A 270 -13.71 -1.79 -7.21
C LEU A 270 -14.72 -0.67 -7.45
N SER A 271 -14.64 -0.01 -8.61
CA SER A 271 -15.64 1.01 -8.91
C SER A 271 -17.03 0.40 -9.04
N MET A 272 -17.12 -0.76 -9.72
CA MET A 272 -18.40 -1.46 -9.80
C MET A 272 -18.92 -1.84 -8.42
N ILE A 273 -18.03 -2.32 -7.55
CA ILE A 273 -18.44 -2.71 -6.20
C ILE A 273 -18.95 -1.50 -5.43
N GLY A 274 -18.30 -0.35 -5.60
CA GLY A 274 -18.81 0.85 -4.97
C GLY A 274 -20.18 1.23 -5.49
N ASP A 275 -20.41 1.03 -6.79
CA ASP A 275 -21.73 1.27 -7.35
C ASP A 275 -22.77 0.35 -6.72
N TRP A 276 -22.44 -0.93 -6.56
CA TRP A 276 -23.35 -1.86 -5.89
C TRP A 276 -23.63 -1.43 -4.46
N LEU A 277 -22.59 -1.00 -3.73
CA LEU A 277 -22.80 -0.52 -2.37
C LEU A 277 -23.76 0.66 -2.35
N ARG A 278 -23.58 1.61 -3.28
CA ARG A 278 -24.47 2.76 -3.34
C ARG A 278 -25.90 2.34 -3.65
N VAL A 279 -26.07 1.37 -4.54
CA VAL A 279 -27.40 0.87 -4.86
C VAL A 279 -28.05 0.27 -3.61
N ILE A 280 -27.32 -0.58 -2.90
CA ILE A 280 -27.86 -1.23 -1.71
C ILE A 280 -28.19 -0.19 -0.64
N ALA A 281 -27.37 0.85 -0.54
CA ALA A 281 -27.63 1.90 0.44
C ALA A 281 -28.91 2.67 0.10
N LYS A 282 -29.10 3.01 -1.18
CA LYS A 282 -30.31 3.69 -1.58
C LYS A 282 -31.53 2.79 -1.48
N LYS A 283 -31.32 1.47 -1.49
CA LYS A 283 -32.44 0.56 -1.26
C LYS A 283 -32.81 0.50 0.22
N THR A 284 -31.81 0.41 1.10
CA THR A 284 -32.11 0.34 2.53
C THR A 284 -32.60 1.66 3.08
N LYS A 285 -32.25 2.78 2.45
CA LYS A 285 -32.82 4.07 2.86
C LYS A 285 -34.34 4.07 2.71
N GLU A 286 -34.81 3.67 1.53
CA GLU A 286 -36.26 3.62 1.31
C GLU A 286 -36.91 2.49 2.09
N ALA A 287 -36.18 1.40 2.34
CA ALA A 287 -36.71 0.36 3.22
C ALA A 287 -36.99 0.90 4.63
N VAL A 288 -36.03 1.65 5.19
CA VAL A 288 -36.23 2.24 6.50
C VAL A 288 -37.35 3.28 6.46
N GLY A 289 -37.42 4.06 5.38
CA GLY A 289 -38.53 4.99 5.25
C GLY A 289 -39.88 4.28 5.29
N GLU A 290 -40.02 3.23 4.49
CA GLU A 290 -41.22 2.39 4.50
C GLU A 290 -41.56 1.91 5.91
N PHE A 291 -40.58 1.30 6.58
CA PHE A 291 -40.84 0.74 7.91
C PHE A 291 -41.28 1.81 8.88
N ARG A 292 -40.63 2.98 8.87
CA ARG A 292 -41.01 4.05 9.77
C ARG A 292 -42.41 4.55 9.47
N ALA A 293 -42.74 4.72 8.18
CA ALA A 293 -44.06 5.20 7.82
C ALA A 293 -45.14 4.23 8.30
N HIS A 294 -44.85 2.93 8.21
CA HIS A 294 -45.84 1.94 8.62
C HIS A 294 -45.94 1.88 10.14
N ALA A 295 -44.81 1.89 10.84
CA ALA A 295 -44.86 1.95 12.30
C ALA A 295 -45.66 3.15 12.76
N ALA A 296 -45.56 4.28 12.05
CA ALA A 296 -46.35 5.45 12.41
C ALA A 296 -47.84 5.23 12.10
N GLU A 297 -48.13 4.67 10.92
CA GLU A 297 -49.52 4.32 10.59
C GLU A 297 -50.13 3.46 11.69
N TRP A 298 -49.34 2.56 12.25
CA TRP A 298 -49.86 1.66 13.27
C TRP A 298 -50.00 2.37 14.61
N THR A 299 -48.97 3.12 15.01
CA THR A 299 -49.05 3.88 16.25
C THR A 299 -50.19 4.87 16.25
N ALA A 300 -50.65 5.29 15.06
CA ALA A 300 -51.84 6.13 15.00
C ALA A 300 -53.03 5.43 15.62
N ASN A 301 -53.19 4.13 15.34
CA ASN A 301 -54.29 3.35 15.88
C ASN A 301 -54.11 3.10 17.36
N SER B 18 -13.20 5.15 -35.13
CA SER B 18 -11.84 4.62 -35.06
C SER B 18 -10.81 5.73 -35.23
N ALA B 19 -11.27 6.89 -35.70
CA ALA B 19 -10.37 8.00 -35.92
C ALA B 19 -9.68 8.43 -34.62
N ILE B 20 -10.46 8.56 -33.54
CA ILE B 20 -9.90 8.97 -32.26
C ILE B 20 -9.15 7.83 -31.56
N ASN B 21 -9.49 6.58 -31.86
CA ASN B 21 -8.83 5.47 -31.19
C ASN B 21 -7.36 5.37 -31.57
N VAL B 22 -7.00 5.73 -32.81
CA VAL B 22 -5.60 5.70 -33.21
C VAL B 22 -4.80 6.71 -32.39
N MET B 23 -5.30 7.94 -32.29
CA MET B 23 -4.61 8.94 -31.47
C MET B 23 -4.56 8.52 -30.01
N LYS B 24 -5.62 7.86 -29.52
CA LYS B 24 -5.62 7.39 -28.14
C LYS B 24 -4.55 6.36 -27.90
N TRP B 25 -4.44 5.36 -28.79
CA TRP B 25 -3.40 4.35 -28.64
C TRP B 25 -2.01 4.97 -28.74
N LYS B 26 -1.85 5.96 -29.63
CA LYS B 26 -0.57 6.65 -29.76
C LYS B 26 -0.19 7.32 -28.44
N THR B 27 -1.11 8.11 -27.87
CA THR B 27 -0.87 8.74 -26.58
C THR B 27 -0.57 7.72 -25.49
N VAL B 28 -1.31 6.61 -25.46
CA VAL B 28 -1.10 5.61 -24.42
C VAL B 28 0.29 5.00 -24.54
N SER B 29 0.73 4.71 -25.76
CA SER B 29 2.07 4.14 -25.95
C SER B 29 3.15 5.14 -25.54
N THR B 30 3.00 6.40 -25.92
CA THR B 30 3.97 7.40 -25.51
C THR B 30 4.06 7.52 -23.99
N ILE B 31 2.91 7.58 -23.31
CA ILE B 31 2.92 7.61 -21.85
C ILE B 31 3.60 6.38 -21.28
N PHE B 32 3.27 5.20 -21.82
CA PHE B 32 3.91 3.97 -21.37
C PHE B 32 5.42 4.07 -21.43
N LEU B 33 5.96 4.51 -22.56
CA LEU B 33 7.41 4.62 -22.68
C LEU B 33 7.97 5.68 -21.73
N VAL B 34 7.25 6.78 -21.54
CA VAL B 34 7.68 7.79 -20.58
C VAL B 34 7.83 7.16 -19.20
N VAL B 35 6.84 6.38 -18.79
CA VAL B 35 6.87 5.75 -17.48
C VAL B 35 7.99 4.72 -17.39
N VAL B 36 8.23 3.98 -18.47
CA VAL B 36 9.31 2.99 -18.46
C VAL B 36 10.65 3.68 -18.25
N LEU B 37 10.89 4.79 -18.95
CA LEU B 37 12.16 5.49 -18.77
C LEU B 37 12.24 6.17 -17.40
N TYR B 38 11.10 6.66 -16.90
CA TYR B 38 11.05 7.17 -15.53
C TYR B 38 11.49 6.10 -14.55
N LEU B 39 10.98 4.88 -14.71
CA LEU B 39 11.37 3.77 -13.85
C LEU B 39 12.85 3.44 -14.00
N ILE B 40 13.36 3.52 -15.23
CA ILE B 40 14.78 3.22 -15.45
C ILE B 40 15.66 4.22 -14.71
N ILE B 41 15.33 5.51 -14.84
CA ILE B 41 16.09 6.54 -14.13
C ILE B 41 16.00 6.33 -12.63
N GLY B 42 14.78 6.12 -12.12
CA GLY B 42 14.61 5.84 -10.69
C GLY B 42 15.42 4.64 -10.23
N ALA B 43 15.41 3.56 -11.00
CA ALA B 43 16.16 2.36 -10.64
C ALA B 43 17.65 2.65 -10.58
N THR B 44 18.18 3.35 -11.58
CA THR B 44 19.59 3.71 -11.55
C THR B 44 19.91 4.51 -10.29
N VAL B 45 19.13 5.56 -10.01
CA VAL B 45 19.40 6.39 -8.86
C VAL B 45 19.33 5.57 -7.57
N PHE B 46 18.32 4.70 -7.46
CA PHE B 46 18.13 3.94 -6.23
C PHE B 46 19.25 2.95 -6.00
N LYS B 47 19.65 2.21 -7.05
CA LYS B 47 20.75 1.27 -6.87
C LYS B 47 22.05 2.01 -6.57
N ALA B 48 22.31 3.12 -7.27
CA ALA B 48 23.53 3.88 -7.00
C ALA B 48 23.51 4.55 -5.63
N LEU B 49 22.33 4.67 -5.01
CA LEU B 49 22.23 5.23 -3.67
C LEU B 49 22.20 4.17 -2.58
N GLU B 50 21.87 2.92 -2.91
CA GLU B 50 21.66 1.90 -1.88
C GLU B 50 22.62 0.73 -1.92
N GLN B 51 23.12 0.34 -3.09
CA GLN B 51 23.99 -0.83 -3.16
C GLN B 51 25.29 -0.68 -2.36
N PRO B 52 25.90 0.50 -2.25
CA PRO B 52 27.13 0.61 -1.45
C PRO B 52 26.93 0.14 -0.01
N GLN B 53 25.97 0.74 0.69
CA GLN B 53 25.70 0.30 2.06
C GLN B 53 25.27 -1.16 2.10
N GLU B 54 24.59 -1.64 1.06
CA GLU B 54 24.23 -3.05 1.00
C GLU B 54 25.48 -3.92 1.05
N ILE B 55 26.48 -3.59 0.22
CA ILE B 55 27.71 -4.39 0.19
C ILE B 55 28.46 -4.27 1.51
N SER B 56 28.52 -3.06 2.07
CA SER B 56 29.18 -2.89 3.36
C SER B 56 28.53 -3.77 4.42
N GLN B 57 27.20 -3.72 4.52
CA GLN B 57 26.48 -4.52 5.49
C GLN B 57 26.67 -6.01 5.24
N ARG B 58 26.69 -6.43 3.97
CA ARG B 58 26.83 -7.85 3.67
C ARG B 58 28.21 -8.36 4.07
N THR B 59 29.25 -7.56 3.82
CA THR B 59 30.60 -7.96 4.20
C THR B 59 30.76 -7.98 5.71
N THR B 60 30.23 -6.98 6.41
CA THR B 60 30.32 -6.98 7.86
C THR B 60 29.49 -8.08 8.49
N ILE B 61 28.36 -8.46 7.86
CA ILE B 61 27.55 -9.54 8.40
C ILE B 61 28.26 -10.87 8.23
N VAL B 62 28.96 -11.05 7.09
CA VAL B 62 29.75 -12.27 6.93
C VAL B 62 30.90 -12.27 7.92
N ILE B 63 31.49 -11.09 8.18
CA ILE B 63 32.54 -10.99 9.19
C ILE B 63 32.04 -11.50 10.54
N GLN B 64 30.90 -10.98 11.00
CA GLN B 64 30.40 -11.40 12.30
C GLN B 64 29.94 -12.86 12.29
N ARG B 65 29.41 -13.33 11.16
CA ARG B 65 29.07 -14.75 11.04
C ARG B 65 30.30 -15.62 11.28
N GLU B 66 31.40 -15.32 10.58
CA GLU B 66 32.64 -16.07 10.80
C GLU B 66 33.13 -15.93 12.23
N LYS B 67 33.02 -14.72 12.80
CA LYS B 67 33.49 -14.49 14.16
C LYS B 67 32.75 -15.37 15.16
N PHE B 68 31.43 -15.46 15.02
CA PHE B 68 30.65 -16.30 15.92
C PHE B 68 30.80 -17.79 15.60
N LEU B 69 31.07 -18.11 14.33
CA LEU B 69 31.26 -19.51 13.94
C LEU B 69 32.59 -20.06 14.49
N ARG B 70 33.68 -19.30 14.32
CA ARG B 70 34.96 -19.78 14.80
C ARG B 70 35.02 -19.79 16.31
N ALA B 71 34.33 -18.85 16.97
CA ALA B 71 34.30 -18.83 18.43
C ALA B 71 33.44 -19.95 18.98
N HIS B 72 32.46 -20.42 18.20
CA HIS B 72 31.61 -21.54 18.58
C HIS B 72 31.51 -22.45 17.36
N PRO B 73 32.57 -23.21 17.08
CA PRO B 73 32.53 -24.20 15.99
C PRO B 73 31.66 -25.40 16.30
N CYS B 74 30.89 -25.33 17.39
CA CYS B 74 29.96 -26.38 17.75
C CYS B 74 29.12 -26.77 16.55
N VAL B 75 28.43 -27.90 16.61
CA VAL B 75 27.70 -28.36 15.44
C VAL B 75 26.55 -27.41 15.17
N SER B 76 26.56 -26.80 13.99
CA SER B 76 25.59 -25.80 13.58
C SER B 76 25.64 -25.61 12.07
N ASP B 77 26.44 -24.66 11.60
CA ASP B 77 26.67 -24.48 10.17
C ASP B 77 25.36 -24.48 9.40
N GLN B 78 24.99 -25.63 8.83
CA GLN B 78 23.69 -25.70 8.19
C GLN B 78 22.60 -25.55 9.22
N GLU B 79 22.88 -25.96 10.46
CA GLU B 79 21.97 -25.67 11.55
C GLU B 79 21.94 -24.17 11.83
N LEU B 80 23.07 -23.48 11.63
CA LEU B 80 23.10 -22.04 11.90
C LEU B 80 22.32 -21.26 10.84
N ASP B 81 22.58 -21.54 9.56
CA ASP B 81 21.81 -20.89 8.52
C ASP B 81 20.34 -21.30 8.65
N GLU B 82 20.09 -22.55 9.03
CA GLU B 82 18.75 -23.06 9.24
C GLU B 82 18.07 -22.33 10.40
N LEU B 83 18.82 -22.04 11.45
CA LEU B 83 18.30 -21.30 12.59
C LEU B 83 17.97 -19.87 12.21
N ILE B 84 18.83 -19.22 11.43
CA ILE B 84 18.50 -17.88 10.97
C ILE B 84 17.29 -17.93 10.05
N GLN B 85 17.09 -19.07 9.38
CA GLN B 85 15.94 -19.24 8.51
C GLN B 85 14.66 -19.36 9.32
N GLN B 86 14.71 -20.10 10.43
CA GLN B 86 13.54 -20.19 11.30
C GLN B 86 13.27 -18.86 12.01
N ILE B 87 14.38 -18.14 12.23
CA ILE B 87 14.41 -16.80 12.87
C ILE B 87 13.71 -15.87 11.90
N VAL B 88 13.94 -16.10 10.61
CA VAL B 88 13.37 -15.27 9.53
C VAL B 88 11.84 -15.38 9.58
N ALA B 89 11.33 -16.60 9.72
CA ALA B 89 9.87 -16.79 9.72
C ALA B 89 9.30 -16.02 10.92
N ALA B 90 9.94 -16.17 12.07
CA ALA B 90 9.48 -15.43 13.26
C ALA B 90 9.66 -13.93 13.01
N ASP B 91 10.80 -13.53 12.44
CA ASP B 91 11.11 -12.11 12.12
C ASP B 91 9.92 -11.37 11.51
N ASN B 92 9.28 -11.95 10.49
CA ASN B 92 8.16 -11.27 9.79
C ASN B 92 7.09 -10.93 10.84
N ALA B 93 6.77 -11.86 11.73
CA ALA B 93 5.81 -11.61 12.83
C ALA B 93 6.55 -11.01 14.05
N GLY B 94 7.88 -10.98 13.96
CA GLY B 94 8.77 -10.47 15.04
C GLY B 94 9.36 -11.62 15.83
N ILE B 95 10.66 -11.88 15.65
CA ILE B 95 11.35 -12.95 16.42
C ILE B 95 11.46 -12.43 17.86
N ILE B 96 10.54 -12.72 18.77
CA ILE B 96 10.83 -12.14 20.08
C ILE B 96 11.10 -13.24 21.10
N PRO B 97 12.11 -14.08 20.87
CA PRO B 97 12.49 -15.08 21.87
C PRO B 97 13.77 -14.71 22.61
N LEU B 98 13.67 -14.33 23.88
CA LEU B 98 14.85 -13.98 24.65
C LEU B 98 14.65 -14.36 26.11
N GLY B 99 15.75 -14.69 26.79
CA GLY B 99 15.67 -15.10 28.18
C GLY B 99 14.91 -14.12 29.04
N ALA B 100 15.20 -12.83 28.87
CA ALA B 100 14.45 -11.78 29.56
C ALA B 100 13.22 -11.40 28.74
N SER B 101 12.09 -11.25 29.43
CA SER B 101 10.82 -10.96 28.77
C SER B 101 10.40 -12.10 27.84
N SER B 102 10.29 -13.31 28.39
CA SER B 102 9.71 -14.43 27.65
C SER B 102 8.21 -14.30 27.47
N ASN B 103 7.57 -13.40 28.22
CA ASN B 103 6.17 -13.08 28.01
C ASN B 103 6.05 -12.01 26.93
N GLN B 104 5.18 -12.24 25.96
CA GLN B 104 5.05 -11.37 24.80
C GLN B 104 3.77 -10.55 24.88
N VAL B 105 3.66 -9.60 23.96
CA VAL B 105 2.47 -8.77 23.81
C VAL B 105 1.72 -9.22 22.56
N SER B 106 0.45 -8.85 22.50
CA SER B 106 -0.44 -9.33 21.43
C SER B 106 -0.40 -8.37 20.24
N HIS B 107 0.04 -8.89 19.09
CA HIS B 107 -0.07 -8.17 17.83
C HIS B 107 -1.48 -8.20 17.27
N TRP B 108 -2.37 -9.01 17.86
CA TRP B 108 -3.76 -9.13 17.42
C TRP B 108 -4.75 -8.77 18.52
N ASP B 109 -4.32 -7.95 19.49
CA ASP B 109 -5.20 -7.57 20.59
C ASP B 109 -6.36 -6.74 20.04
N LEU B 110 -7.17 -6.19 20.95
CA LEU B 110 -8.39 -5.47 20.56
C LEU B 110 -8.09 -4.38 19.54
N GLY B 111 -7.19 -3.44 19.88
CA GLY B 111 -6.91 -2.33 19.00
C GLY B 111 -5.99 -2.64 17.84
N SER B 112 -5.16 -3.68 17.95
CA SER B 112 -4.24 -4.01 16.87
C SER B 112 -4.99 -4.47 15.63
N SER B 113 -6.01 -5.31 15.80
CA SER B 113 -6.81 -5.74 14.66
C SER B 113 -7.59 -4.58 14.05
N PHE B 114 -8.00 -3.60 14.86
CA PHE B 114 -8.64 -2.40 14.33
C PHE B 114 -7.66 -1.62 13.46
N PHE B 115 -6.43 -1.45 13.97
CA PHE B 115 -5.34 -0.86 13.20
C PHE B 115 -5.14 -1.57 11.87
N PHE B 116 -5.16 -2.91 11.91
CA PHE B 116 -4.93 -3.70 10.70
C PHE B 116 -6.07 -3.53 9.71
N ALA B 117 -7.31 -3.57 10.19
CA ALA B 117 -8.46 -3.32 9.31
C ALA B 117 -8.38 -1.94 8.67
N GLY B 118 -7.94 -0.93 9.42
CA GLY B 118 -7.79 0.39 8.83
C GLY B 118 -6.76 0.40 7.72
N THR B 119 -5.60 -0.25 7.96
CA THR B 119 -4.59 -0.35 6.91
C THR B 119 -5.15 -1.06 5.69
N VAL B 120 -5.95 -2.10 5.90
CA VAL B 120 -6.50 -2.87 4.80
C VAL B 120 -7.46 -2.02 3.97
N ILE B 121 -8.38 -1.32 4.63
CA ILE B 121 -9.39 -0.57 3.87
C ILE B 121 -8.76 0.62 3.17
N THR B 122 -7.76 1.26 3.78
CA THR B 122 -7.13 2.40 3.11
C THR B 122 -6.11 1.98 2.06
N THR B 123 -5.91 0.69 1.85
CA THR B 123 -4.91 0.17 0.91
C THR B 123 -3.50 0.63 1.24
N ILE B 124 -3.28 1.12 2.45
CA ILE B 124 -1.92 1.43 2.90
C ILE B 124 -1.12 0.13 3.03
N GLY B 125 -1.57 -0.78 3.88
CA GLY B 125 -0.95 -2.08 4.02
C GLY B 125 0.48 -2.04 4.50
N PHE B 126 0.70 -1.44 5.68
CA PHE B 126 2.04 -1.41 6.26
C PHE B 126 2.69 -2.79 6.23
N GLY B 127 1.92 -3.83 6.53
CA GLY B 127 2.44 -5.19 6.51
C GLY B 127 3.17 -5.60 7.76
N ASN B 128 3.39 -4.69 8.71
CA ASN B 128 4.08 -5.06 9.95
C ASN B 128 3.43 -6.26 10.61
N ILE B 129 2.11 -6.39 10.50
CA ILE B 129 1.38 -7.55 10.98
C ILE B 129 0.40 -7.98 9.89
N SER B 130 0.41 -9.26 9.55
CA SER B 130 -0.40 -9.79 8.46
C SER B 130 -1.02 -11.10 8.90
N PRO B 131 -2.14 -11.49 8.30
CA PRO B 131 -2.83 -12.70 8.73
C PRO B 131 -2.08 -13.95 8.34
N ARG B 132 -2.02 -14.90 9.27
CA ARG B 132 -1.42 -16.21 9.01
C ARG B 132 -2.44 -17.32 8.85
N THR B 133 -3.65 -17.16 9.39
CA THR B 133 -4.69 -18.16 9.26
C THR B 133 -5.30 -18.12 7.87
N GLU B 134 -5.58 -19.31 7.31
CA GLU B 134 -6.33 -19.38 6.06
C GLU B 134 -7.63 -18.60 6.16
N GLY B 135 -8.38 -18.83 7.24
CA GLY B 135 -9.60 -18.06 7.45
C GLY B 135 -9.32 -16.57 7.53
N GLY B 136 -8.26 -16.19 8.24
CA GLY B 136 -7.88 -14.79 8.29
C GLY B 136 -7.60 -14.22 6.91
N LYS B 137 -6.92 -14.98 6.06
CA LYS B 137 -6.58 -14.50 4.72
C LYS B 137 -7.84 -14.33 3.86
N ILE B 138 -8.69 -15.36 3.84
CA ILE B 138 -9.92 -15.27 3.05
C ILE B 138 -10.79 -14.12 3.55
N PHE B 139 -10.90 -13.97 4.87
CA PHE B 139 -11.60 -12.82 5.42
C PHE B 139 -11.00 -11.54 4.87
N CYS B 140 -9.73 -11.28 5.19
CA CYS B 140 -9.06 -10.07 4.72
C CYS B 140 -9.34 -9.80 3.24
N ILE B 141 -9.36 -10.86 2.42
CA ILE B 141 -9.69 -10.69 1.01
C ILE B 141 -11.07 -10.06 0.84
N ILE B 142 -12.09 -10.72 1.41
CA ILE B 142 -13.45 -10.20 1.23
C ILE B 142 -13.60 -8.84 1.89
N TYR B 143 -12.99 -8.68 3.08
CA TYR B 143 -13.06 -7.44 3.83
C TYR B 143 -12.49 -6.28 3.04
N ALA B 144 -11.37 -6.50 2.34
CA ALA B 144 -10.82 -5.46 1.48
C ALA B 144 -11.73 -5.20 0.28
N LEU B 145 -12.10 -6.27 -0.44
CA LEU B 145 -12.95 -6.12 -1.61
C LEU B 145 -14.21 -5.32 -1.30
N LEU B 146 -14.68 -5.37 -0.05
CA LEU B 146 -15.89 -4.63 0.31
C LEU B 146 -15.62 -3.30 1.00
N GLY B 147 -14.50 -3.16 1.71
CA GLY B 147 -14.19 -1.95 2.43
C GLY B 147 -13.54 -0.87 1.59
N ILE B 148 -12.67 -1.26 0.66
CA ILE B 148 -11.98 -0.28 -0.18
C ILE B 148 -12.97 0.69 -0.80
N PRO B 149 -14.05 0.25 -1.45
CA PRO B 149 -15.03 1.21 -1.98
C PRO B 149 -15.76 1.99 -0.91
N LEU B 150 -16.22 1.33 0.16
CA LEU B 150 -16.86 2.03 1.25
C LEU B 150 -15.98 3.13 1.83
N PHE B 151 -14.73 2.78 2.13
CA PHE B 151 -13.80 3.79 2.62
C PHE B 151 -13.57 4.87 1.57
N GLY B 152 -13.58 4.50 0.28
CA GLY B 152 -13.54 5.50 -0.77
C GLY B 152 -14.67 6.51 -0.64
N PHE B 153 -15.87 6.03 -0.34
CA PHE B 153 -17.00 6.92 -0.12
C PHE B 153 -16.73 7.87 1.04
N LEU B 154 -16.28 7.31 2.18
CA LEU B 154 -15.98 8.15 3.33
C LEU B 154 -14.91 9.19 3.00
N LEU B 155 -13.88 8.77 2.24
CA LEU B 155 -12.79 9.67 1.87
C LEU B 155 -13.28 10.78 0.96
N ALA B 156 -14.09 10.44 -0.05
CA ALA B 156 -14.63 11.47 -0.93
C ALA B 156 -15.46 12.47 -0.13
N GLY B 157 -16.23 11.98 0.84
CA GLY B 157 -17.01 12.89 1.67
C GLY B 157 -16.14 13.81 2.51
N VAL B 158 -15.13 13.24 3.18
CA VAL B 158 -14.23 14.06 3.99
C VAL B 158 -13.51 15.08 3.12
N GLY B 159 -13.12 14.67 1.92
CA GLY B 159 -12.56 15.56 0.92
C GLY B 159 -13.45 16.74 0.63
N ASP B 160 -14.68 16.47 0.17
CA ASP B 160 -15.66 17.53 -0.07
C ASP B 160 -15.78 18.47 1.13
N GLN B 161 -15.91 17.90 2.34
CA GLN B 161 -16.09 18.71 3.53
C GLN B 161 -14.92 19.66 3.74
N LEU B 162 -13.69 19.12 3.65
CA LEU B 162 -12.52 19.96 3.84
C LEU B 162 -12.38 20.98 2.72
N GLY B 163 -12.76 20.60 1.50
CA GLY B 163 -12.71 21.54 0.39
C GLY B 163 -13.63 22.73 0.58
N THR B 164 -14.81 22.49 1.14
CA THR B 164 -15.71 23.61 1.41
C THR B 164 -15.22 24.44 2.61
N ILE B 165 -14.71 23.76 3.64
CA ILE B 165 -14.09 24.47 4.76
C ILE B 165 -13.01 25.41 4.24
N PHE B 166 -12.25 24.95 3.25
CA PHE B 166 -11.24 25.81 2.64
C PHE B 166 -11.89 26.93 1.86
N GLY B 167 -12.77 26.60 0.91
CA GLY B 167 -13.40 27.62 0.09
C GLY B 167 -13.90 28.80 0.90
N LYS B 168 -14.44 28.53 2.09
CA LYS B 168 -14.87 29.61 2.97
C LYS B 168 -13.70 30.53 3.32
N GLY B 169 -12.64 29.96 3.88
CA GLY B 169 -11.50 30.76 4.31
C GLY B 169 -10.77 31.41 3.15
N ILE B 170 -10.83 30.81 1.97
CA ILE B 170 -10.15 31.37 0.82
C ILE B 170 -10.96 32.53 0.25
N ALA B 171 -12.29 32.46 0.34
CA ALA B 171 -13.09 33.63 0.01
C ALA B 171 -12.87 34.74 1.01
N LYS B 172 -12.57 34.39 2.26
CA LYS B 172 -12.23 35.41 3.25
C LYS B 172 -10.87 36.04 2.97
N VAL B 173 -9.89 35.22 2.56
CA VAL B 173 -8.52 35.69 2.39
C VAL B 173 -8.33 36.42 1.06
N GLU B 174 -9.10 36.08 0.03
CA GLU B 174 -8.91 36.73 -1.27
C GLU B 174 -9.56 38.10 -1.31
N ASP B 175 -10.61 38.33 -0.52
CA ASP B 175 -11.23 39.65 -0.47
C ASP B 175 -10.25 40.70 0.04
N THR B 176 -9.46 40.37 1.07
CA THR B 176 -8.48 41.32 1.58
C THR B 176 -7.41 41.64 0.53
N PHE B 177 -6.93 40.62 -0.19
CA PHE B 177 -5.92 40.83 -1.21
C PHE B 177 -6.46 41.50 -2.47
N ILE B 178 -7.75 41.84 -2.52
CA ILE B 178 -8.32 42.53 -3.67
C ILE B 178 -7.95 44.00 -3.55
N LYS B 179 -6.87 44.39 -4.22
CA LYS B 179 -6.38 45.78 -4.16
C LYS B 179 -6.91 46.59 -5.33
N GLN B 184 -8.38 38.30 -11.12
CA GLN B 184 -9.06 37.01 -11.23
C GLN B 184 -8.13 35.92 -11.70
N THR B 185 -7.57 36.10 -12.90
CA THR B 185 -6.74 35.06 -13.52
C THR B 185 -5.46 34.80 -12.73
N LYS B 186 -5.01 35.75 -11.92
CA LYS B 186 -3.77 35.60 -11.16
C LYS B 186 -4.01 35.39 -9.67
N ILE B 187 -5.27 35.38 -9.22
CA ILE B 187 -5.57 35.17 -7.82
C ILE B 187 -5.55 33.68 -7.44
N ARG B 188 -5.94 32.81 -8.37
CA ARG B 188 -5.91 31.38 -8.10
C ARG B 188 -4.52 30.90 -7.74
N ILE B 189 -3.48 31.50 -8.32
CA ILE B 189 -2.12 31.13 -7.96
C ILE B 189 -1.86 31.40 -6.49
N ILE B 190 -2.27 32.58 -6.01
CA ILE B 190 -2.10 32.94 -4.60
C ILE B 190 -2.87 31.97 -3.72
N SER B 191 -4.09 31.62 -4.13
CA SER B 191 -4.91 30.74 -3.31
C SER B 191 -4.31 29.35 -3.23
N THR B 192 -3.82 28.81 -4.35
CA THR B 192 -3.18 27.51 -4.33
C THR B 192 -1.90 27.53 -3.49
N ILE B 193 -1.17 28.66 -3.52
CA ILE B 193 0.02 28.76 -2.69
C ILE B 193 -0.35 28.65 -1.21
N ILE B 194 -1.36 29.41 -0.78
CA ILE B 194 -1.75 29.36 0.62
C ILE B 194 -2.27 27.98 0.98
N PHE B 195 -3.01 27.34 0.05
CA PHE B 195 -3.50 26.00 0.28
C PHE B 195 -2.36 25.03 0.56
N ILE B 196 -1.40 24.95 -0.37
CA ILE B 196 -0.29 24.02 -0.19
C ILE B 196 0.47 24.33 1.09
N LEU B 197 0.71 25.61 1.35
CA LEU B 197 1.44 26.00 2.55
C LEU B 197 0.77 25.49 3.81
N PHE B 198 -0.47 25.94 4.05
CA PHE B 198 -1.13 25.58 5.31
C PHE B 198 -1.41 24.08 5.39
N GLY B 199 -1.59 23.41 4.24
CA GLY B 199 -1.80 21.97 4.28
C GLY B 199 -0.56 21.23 4.70
N CYS B 200 0.59 21.55 4.08
CA CYS B 200 1.84 20.96 4.52
C CYS B 200 2.11 21.26 5.97
N VAL B 201 1.67 22.43 6.45
CA VAL B 201 1.76 22.72 7.88
C VAL B 201 0.95 21.70 8.67
N LEU B 202 -0.36 21.66 8.42
CA LEU B 202 -1.26 20.87 9.26
C LEU B 202 -1.03 19.36 9.08
N PHE B 203 -0.89 18.90 7.84
CA PHE B 203 -0.92 17.48 7.54
C PHE B 203 0.46 16.90 7.23
N VAL B 204 1.52 17.67 7.40
CA VAL B 204 2.86 17.16 7.17
C VAL B 204 3.79 17.57 8.32
N ALA B 205 3.80 18.86 8.64
CA ALA B 205 4.74 19.37 9.63
C ALA B 205 4.39 18.91 11.04
N LEU B 206 3.21 19.33 11.53
CA LEU B 206 2.84 19.03 12.90
C LEU B 206 2.81 17.54 13.21
N PRO B 207 2.17 16.69 12.40
CA PRO B 207 2.23 15.25 12.70
C PRO B 207 3.63 14.67 12.63
N ALA B 208 4.47 15.19 11.73
CA ALA B 208 5.85 14.70 11.65
C ALA B 208 6.62 15.05 12.92
N VAL B 209 6.43 16.26 13.44
CA VAL B 209 7.11 16.65 14.67
C VAL B 209 6.59 15.84 15.86
N ILE B 210 5.27 15.62 15.91
CA ILE B 210 4.70 14.82 17.00
C ILE B 210 5.22 13.40 16.95
N PHE B 211 5.41 12.86 15.74
CA PHE B 211 5.97 11.52 15.62
C PHE B 211 7.43 11.50 16.03
N LYS B 212 8.21 12.47 15.56
CA LYS B 212 9.60 12.59 15.98
C LYS B 212 9.71 12.54 17.49
N HIS B 213 8.87 13.30 18.19
CA HIS B 213 8.87 13.26 19.65
C HIS B 213 8.46 11.90 20.18
N ILE B 214 7.19 11.53 19.96
CA ILE B 214 6.64 10.33 20.61
C ILE B 214 7.35 9.09 20.13
N GLU B 215 7.51 8.94 18.81
CA GLU B 215 8.07 7.72 18.25
C GLU B 215 9.59 7.69 18.31
N GLY B 216 10.24 8.81 18.61
CA GLY B 216 11.69 8.81 18.69
C GLY B 216 12.39 8.81 17.36
N TRP B 217 11.73 9.26 16.30
CA TRP B 217 12.32 9.28 14.98
C TRP B 217 13.11 10.57 14.76
N SER B 218 13.80 10.62 13.62
CA SER B 218 14.43 11.86 13.17
C SER B 218 13.45 12.68 12.34
N ALA B 219 13.85 13.91 12.05
CA ALA B 219 13.00 14.76 11.21
C ALA B 219 12.78 14.13 9.84
N LEU B 220 13.86 13.63 9.23
CA LEU B 220 13.72 12.97 7.94
C LEU B 220 12.75 11.79 8.05
N ASP B 221 13.11 10.78 8.85
CA ASP B 221 12.24 9.63 9.09
C ASP B 221 10.80 10.04 9.33
N ALA B 222 10.57 11.09 10.12
CA ALA B 222 9.21 11.53 10.39
C ALA B 222 8.49 11.95 9.12
N ILE B 223 9.07 12.89 8.37
CA ILE B 223 8.40 13.36 7.15
C ILE B 223 8.31 12.25 6.11
N TYR B 224 9.28 11.34 6.10
CA TYR B 224 9.30 10.24 5.14
C TYR B 224 8.17 9.26 5.44
N PHE B 225 7.97 8.94 6.73
CA PHE B 225 6.81 8.15 7.12
C PHE B 225 5.52 8.85 6.77
N VAL B 226 5.43 10.16 7.06
CA VAL B 226 4.22 10.92 6.71
C VAL B 226 3.90 10.76 5.23
N VAL B 227 4.90 10.99 4.37
CA VAL B 227 4.67 10.96 2.92
C VAL B 227 4.29 9.55 2.48
N ILE B 228 5.05 8.54 2.94
CA ILE B 228 4.79 7.18 2.50
C ILE B 228 3.42 6.70 2.97
N THR B 229 2.96 7.17 4.13
CA THR B 229 1.62 6.83 4.60
C THR B 229 0.55 7.52 3.75
N LEU B 230 0.60 8.85 3.69
CA LEU B 230 -0.46 9.58 2.99
C LEU B 230 -0.47 9.36 1.49
N THR B 231 0.58 8.79 0.91
CA THR B 231 0.54 8.38 -0.49
C THR B 231 -0.01 6.98 -0.70
N THR B 232 -0.46 6.34 0.37
CA THR B 232 -0.98 4.97 0.34
C THR B 232 0.07 3.96 -0.11
N ILE B 233 1.36 4.29 0.05
CA ILE B 233 2.41 3.34 -0.27
C ILE B 233 2.65 2.38 0.89
N GLY B 234 3.03 2.93 2.05
CA GLY B 234 3.22 2.12 3.24
C GLY B 234 4.26 1.03 3.07
N PHE B 235 5.52 1.34 3.43
CA PHE B 235 6.58 0.36 3.31
CA PHE B 235 6.58 0.36 3.31
C PHE B 235 6.59 -0.61 4.49
N GLY B 236 6.32 -0.12 5.69
CA GLY B 236 6.39 -0.91 6.91
C GLY B 236 7.61 -0.65 7.75
N ASP B 237 8.67 -0.09 7.16
CA ASP B 237 9.87 0.24 7.94
C ASP B 237 9.53 1.13 9.13
N TYR B 238 8.62 2.08 8.93
CA TYR B 238 8.23 3.03 9.97
C TYR B 238 6.72 2.96 10.16
N VAL B 239 6.29 2.65 11.37
CA VAL B 239 4.89 2.59 11.74
C VAL B 239 4.71 3.32 13.06
N ALA B 240 3.63 4.08 13.17
CA ALA B 240 3.38 4.83 14.41
C ALA B 240 2.83 3.92 15.51
N GLY B 241 2.16 2.84 15.14
CA GLY B 241 1.57 1.92 16.09
C GLY B 241 2.11 0.51 16.03
N GLY B 242 3.42 0.35 15.82
CA GLY B 242 3.99 -0.97 15.74
C GLY B 242 4.98 -1.35 16.81
N SER B 243 5.65 -0.35 17.41
CA SER B 243 6.57 -0.61 18.49
C SER B 243 5.84 -0.61 19.83
N ASP B 244 6.46 -1.27 20.82
CA ASP B 244 5.88 -1.37 22.16
C ASP B 244 6.16 -0.16 23.03
N ILE B 245 6.42 0.99 22.43
CA ILE B 245 6.69 2.21 23.20
C ILE B 245 5.43 2.65 23.92
N ASP B 249 -3.39 5.92 25.11
CA ASP B 249 -4.27 5.30 24.12
C ASP B 249 -5.09 6.37 23.40
N PHE B 250 -4.62 7.62 23.53
CA PHE B 250 -5.17 8.75 22.80
C PHE B 250 -4.34 9.09 21.56
N TYR B 251 -3.12 8.56 21.49
CA TYR B 251 -2.23 8.79 20.35
C TYR B 251 -2.69 8.01 19.13
N LYS B 252 -2.99 6.71 19.29
CA LYS B 252 -3.33 5.86 18.15
C LYS B 252 -4.60 6.32 17.42
N PRO B 253 -5.71 6.63 18.09
CA PRO B 253 -6.90 7.09 17.36
C PRO B 253 -6.68 8.40 16.65
N VAL B 254 -5.99 9.34 17.29
CA VAL B 254 -5.66 10.59 16.62
C VAL B 254 -4.80 10.35 15.39
N VAL B 255 -3.88 9.39 15.48
CA VAL B 255 -3.02 9.08 14.34
C VAL B 255 -3.85 8.58 13.17
N TRP B 256 -4.79 7.67 13.44
N TRP B 256 -4.85 7.75 13.43
CA TRP B 256 -5.63 7.13 12.36
CA TRP B 256 -5.61 7.15 12.33
C TRP B 256 -6.56 8.20 11.80
C TRP B 256 -6.84 7.97 11.94
N PHE B 257 -7.13 9.05 12.66
CA PHE B 257 -7.98 10.12 12.17
C PHE B 257 -7.21 11.08 11.27
N TRP B 258 -5.99 11.43 11.70
CA TRP B 258 -5.09 12.16 10.83
C TRP B 258 -4.92 11.44 9.50
N ILE B 259 -4.41 10.21 9.55
CA ILE B 259 -4.22 9.40 8.35
C ILE B 259 -5.38 9.61 7.38
N LEU B 260 -6.61 9.54 7.87
CA LEU B 260 -7.77 9.79 7.02
C LEU B 260 -7.73 11.18 6.38
N VAL B 261 -7.64 12.22 7.22
CA VAL B 261 -7.75 13.59 6.70
C VAL B 261 -6.55 13.91 5.80
N GLY B 262 -5.35 13.55 6.24
CA GLY B 262 -4.17 13.66 5.43
C GLY B 262 -4.27 12.92 4.11
N LEU B 263 -4.97 11.78 4.09
CA LEU B 263 -5.19 11.08 2.83
C LEU B 263 -6.04 11.92 1.89
N ALA B 264 -7.07 12.56 2.42
CA ALA B 264 -7.85 13.48 1.58
C ALA B 264 -6.95 14.60 1.03
N TYR B 265 -6.17 15.22 1.92
CA TYR B 265 -5.29 16.31 1.51
C TYR B 265 -4.29 15.86 0.45
N PHE B 266 -3.72 14.67 0.62
CA PHE B 266 -2.73 14.18 -0.32
C PHE B 266 -3.37 13.77 -1.65
N ALA B 267 -4.61 13.29 -1.62
CA ALA B 267 -5.32 13.09 -2.88
C ALA B 267 -5.42 14.40 -3.64
N ALA B 268 -5.81 15.47 -2.94
CA ALA B 268 -5.88 16.78 -3.59
C ALA B 268 -4.52 17.20 -4.14
N VAL B 269 -3.46 17.05 -3.34
CA VAL B 269 -2.13 17.47 -3.75
C VAL B 269 -1.67 16.68 -4.98
N LEU B 270 -1.84 15.36 -4.94
CA LEU B 270 -1.44 14.53 -6.07
C LEU B 270 -2.22 14.89 -7.34
N SER B 271 -3.50 15.23 -7.18
CA SER B 271 -4.27 15.66 -8.34
C SER B 271 -3.70 16.95 -8.92
N MET B 272 -3.35 17.90 -8.06
CA MET B 272 -2.70 19.12 -8.54
C MET B 272 -1.39 18.81 -9.26
N ILE B 273 -0.58 17.91 -8.68
CA ILE B 273 0.69 17.56 -9.32
C ILE B 273 0.46 16.93 -10.68
N GLY B 274 -0.57 16.09 -10.80
CA GLY B 274 -0.90 15.52 -12.10
C GLY B 274 -1.32 16.59 -13.11
N ASP B 275 -2.08 17.59 -12.65
CA ASP B 275 -2.43 18.69 -13.53
C ASP B 275 -1.18 19.42 -14.02
N TRP B 276 -0.26 19.69 -13.10
CA TRP B 276 1.00 20.34 -13.46
C TRP B 276 1.76 19.50 -14.48
N LEU B 277 1.81 18.18 -14.26
CA LEU B 277 2.49 17.29 -15.19
C LEU B 277 1.87 17.36 -16.58
N ARG B 278 0.55 17.34 -16.66
CA ARG B 278 -0.10 17.40 -17.97
C ARG B 278 0.21 18.73 -18.65
N VAL B 279 0.19 19.82 -17.88
CA VAL B 279 0.53 21.12 -18.44
C VAL B 279 1.96 21.12 -18.99
N ILE B 280 2.90 20.62 -18.19
CA ILE B 280 4.30 20.61 -18.63
C ILE B 280 4.48 19.71 -19.86
N ALA B 281 3.76 18.59 -19.91
CA ALA B 281 3.90 17.69 -21.05
C ALA B 281 3.36 18.32 -22.31
N LYS B 282 2.17 18.92 -22.26
CA LYS B 282 1.63 19.57 -23.44
C LYS B 282 2.37 20.86 -23.78
N LYS B 283 3.12 21.42 -22.84
CA LYS B 283 3.98 22.56 -23.15
C LYS B 283 5.23 22.11 -23.89
N THR B 284 5.87 21.03 -23.41
CA THR B 284 7.06 20.53 -24.07
C THR B 284 6.76 19.87 -25.40
N LYS B 285 5.52 19.40 -25.60
CA LYS B 285 5.13 18.90 -26.91
C LYS B 285 5.22 20.00 -27.96
N GLU B 286 4.63 21.15 -27.68
CA GLU B 286 4.71 22.26 -28.62
C GLU B 286 6.11 22.85 -28.66
N ALA B 287 6.86 22.77 -27.57
CA ALA B 287 8.26 23.18 -27.61
C ALA B 287 9.04 22.34 -28.61
N VAL B 288 8.86 21.01 -28.55
CA VAL B 288 9.56 20.12 -29.49
C VAL B 288 9.08 20.37 -30.91
N GLY B 289 7.78 20.61 -31.10
CA GLY B 289 7.30 20.99 -32.41
C GLY B 289 8.00 22.22 -32.94
N GLU B 290 8.07 23.26 -32.10
CA GLU B 290 8.81 24.48 -32.44
C GLU B 290 10.22 24.14 -32.89
N PHE B 291 10.95 23.39 -32.08
CA PHE B 291 12.33 23.06 -32.40
C PHE B 291 12.44 22.31 -33.71
N ARG B 292 11.53 21.37 -33.95
CA ARG B 292 11.58 20.59 -35.19
C ARG B 292 11.37 21.48 -36.41
N ALA B 293 10.40 22.39 -36.34
CA ALA B 293 10.10 23.22 -37.51
C ALA B 293 11.25 24.15 -37.86
N HIS B 294 11.87 24.77 -36.85
CA HIS B 294 12.86 25.81 -37.13
C HIS B 294 14.24 25.23 -37.46
N ALA B 295 14.78 24.35 -36.62
CA ALA B 295 16.11 23.78 -36.83
C ALA B 295 17.12 24.88 -37.16
N ALA B 296 17.17 25.90 -36.30
CA ALA B 296 18.12 27.00 -36.45
C ALA B 296 17.85 27.81 -37.72
N GLU B 297 16.57 28.13 -37.92
CA GLU B 297 16.16 28.96 -39.06
C GLU B 297 16.56 28.32 -40.39
#